data_2P0Y
#
_entry.id   2P0Y
#
_cell.length_a   70.658
_cell.length_b   78.130
_cell.length_c   149.559
_cell.angle_alpha   90.000
_cell.angle_beta   90.000
_cell.angle_gamma   90.000
#
_symmetry.space_group_name_H-M   'C 2 2 21'
#
_entity_poly.entity_id   1
_entity_poly.type   'polypeptide(L)'
_entity_poly.pdbx_seq_one_letter_code
;(MSE)RKYTFKTQRPKIVVIGGGTGLPVVLNGLRKQAVDITAVVTVADDGGSSGIIRNYVNVVPPGDIRNV(MSE)VALS
SWPDLYKDIFQYRFQGDDQFFAGHAIGNLIIAALTE(MSE)KSGVFDAVQELSN(MSE)(MSE)QVDGHVYPAANEALTL
HGKFSDGTELVGEAEITAAHKSLERVWVTDKNGKEPQAVQPVIDAI(MSE)AADQIVLGPGSLFTSILPNLTIGNIGRAV
CESDAEVVYICNI(MSE)TQKGETDNFSDADHVRVLNRHLGQNFINTVLVNTEKVPEDY(MSE)DFHKFNEVSKQVSHDF
RGLREQNCRVISSNFLKLRDNGAFHDGDQVVAEL(MSE)NLVGHSDVFRLEHHHHHH
;
_entity_poly.pdbx_strand_id   A
#
# COMPACT_ATOMS: atom_id res chain seq x y z
N ARG A 10 2.40 -2.17 21.41
CA ARG A 10 1.76 -2.91 20.28
C ARG A 10 1.51 -1.93 19.14
N PRO A 11 2.44 -1.86 18.18
CA PRO A 11 2.31 -0.93 17.04
C PRO A 11 0.97 -0.97 16.36
N LYS A 12 0.63 0.14 15.70
CA LYS A 12 -0.62 0.24 14.97
C LYS A 12 -0.28 0.51 13.54
N ILE A 13 -0.48 -0.48 12.69
CA ILE A 13 -0.19 -0.34 11.28
C ILE A 13 -1.45 -0.15 10.44
N VAL A 14 -1.42 0.85 9.57
CA VAL A 14 -2.52 1.16 8.67
C VAL A 14 -1.94 0.93 7.31
N VAL A 15 -2.63 0.14 6.50
CA VAL A 15 -2.13 -0.20 5.17
C VAL A 15 -3.04 0.31 4.07
N ILE A 16 -2.45 0.64 2.92
CA ILE A 16 -3.21 1.14 1.77
C ILE A 16 -2.48 0.76 0.51
N GLY A 17 -2.93 -0.30 -0.16
CA GLY A 17 -2.28 -0.76 -1.38
C GLY A 17 -3.19 -1.68 -2.19
N GLY A 18 -2.59 -2.50 -3.04
CA GLY A 18 -3.39 -3.40 -3.85
C GLY A 18 -2.57 -4.35 -4.70
N GLY A 19 -3.20 -4.93 -5.71
CA GLY A 19 -2.50 -5.86 -6.57
C GLY A 19 -2.12 -7.11 -5.78
N THR A 20 -1.62 -8.12 -6.47
CA THR A 20 -1.24 -9.38 -5.82
C THR A 20 -0.23 -9.19 -4.70
N GLY A 21 0.33 -8.00 -4.60
CA GLY A 21 1.31 -7.75 -3.56
C GLY A 21 0.75 -7.49 -2.17
N LEU A 22 -0.48 -6.98 -2.12
CA LEU A 22 -1.12 -6.67 -0.86
C LEU A 22 -1.29 -7.83 0.11
N PRO A 23 -1.85 -8.96 -0.35
CA PRO A 23 -2.04 -10.10 0.56
C PRO A 23 -0.75 -10.77 1.01
N VAL A 24 0.38 -10.36 0.41
CA VAL A 24 1.68 -10.93 0.78
C VAL A 24 2.15 -10.24 2.04
N VAL A 25 2.32 -8.93 1.96
CA VAL A 25 2.75 -8.15 3.10
C VAL A 25 1.65 -8.12 4.16
N LEU A 26 0.40 -8.10 3.73
CA LEU A 26 -0.71 -8.05 4.67
C LEU A 26 -0.74 -9.37 5.45
N ASN A 27 -0.55 -10.47 4.74
CA ASN A 27 -0.55 -11.78 5.36
C ASN A 27 0.70 -11.86 6.22
N GLY A 28 1.61 -10.92 6.00
CA GLY A 28 2.84 -10.88 6.78
C GLY A 28 2.61 -10.22 8.13
N LEU A 29 1.86 -9.14 8.13
CA LEU A 29 1.59 -8.43 9.37
C LEU A 29 0.70 -9.25 10.29
N ARG A 30 0.02 -10.24 9.75
CA ARG A 30 -0.87 -11.07 10.56
C ARG A 30 -0.12 -11.93 11.57
N LYS A 31 0.89 -12.65 11.10
CA LYS A 31 1.69 -13.52 11.97
C LYS A 31 2.36 -12.71 13.06
N GLN A 32 2.45 -11.39 12.84
CA GLN A 32 3.08 -10.50 13.79
C GLN A 32 2.09 -9.98 14.84
N ALA A 33 2.65 -9.46 15.94
CA ALA A 33 1.86 -8.81 16.97
C ALA A 33 1.57 -7.36 16.66
N VAL A 34 0.47 -7.12 15.93
CA VAL A 34 0.09 -5.76 15.60
C VAL A 34 -1.38 -5.61 15.25
N ASP A 35 -1.91 -4.39 15.36
CA ASP A 35 -3.29 -4.10 15.02
C ASP A 35 -3.31 -3.66 13.57
N ILE A 36 -3.64 -4.60 12.68
CA ILE A 36 -3.68 -4.31 11.25
C ILE A 36 -4.92 -3.55 10.81
N THR A 37 -4.79 -2.74 9.76
CA THR A 37 -5.90 -1.98 9.19
C THR A 37 -5.65 -1.79 7.71
N ALA A 38 -6.55 -2.30 6.88
CA ALA A 38 -6.40 -2.15 5.44
C ALA A 38 -7.49 -1.28 4.85
N VAL A 39 -7.09 -0.28 4.09
CA VAL A 39 -8.03 0.63 3.44
C VAL A 39 -8.17 0.12 2.01
N VAL A 40 -9.13 -0.77 1.78
CA VAL A 40 -9.31 -1.32 0.45
C VAL A 40 -10.38 -0.63 -0.40
N THR A 41 -10.38 -0.92 -1.70
CA THR A 41 -11.35 -0.36 -2.62
C THR A 41 -11.16 -1.01 -4.00
N ILE A 64 -10.10 -7.32 -2.36
CA ILE A 64 -10.84 -7.45 -1.10
C ILE A 64 -10.79 -8.89 -0.60
N ARG A 65 -10.94 -9.85 -1.52
CA ARG A 65 -10.92 -11.28 -1.16
C ARG A 65 -9.61 -11.67 -0.49
N ASN A 66 -8.50 -11.33 -1.13
CA ASN A 66 -7.17 -11.63 -0.58
C ASN A 66 -7.00 -10.89 0.74
N VAL A 67 -7.34 -9.60 0.73
CA VAL A 67 -7.25 -8.78 1.94
C VAL A 67 -7.93 -9.49 3.10
N VAL A 69 -8.77 -13.25 3.14
CA VAL A 69 -8.10 -14.51 3.38
C VAL A 69 -6.83 -14.21 4.11
N ALA A 70 -6.15 -13.16 3.68
CA ALA A 70 -4.87 -12.77 4.29
C ALA A 70 -4.95 -12.52 5.79
N LEU A 71 -5.78 -11.56 6.19
CA LEU A 71 -5.90 -11.24 7.60
C LEU A 71 -6.85 -12.18 8.35
N SER A 72 -7.44 -13.10 7.61
CA SER A 72 -8.37 -14.05 8.21
C SER A 72 -7.63 -15.06 9.09
N SER A 73 -8.23 -15.42 10.22
CA SER A 73 -7.60 -16.37 11.14
C SER A 73 -8.14 -17.77 10.85
N TRP A 74 -9.11 -17.84 9.94
CA TRP A 74 -9.73 -19.11 9.57
C TRP A 74 -8.71 -20.19 9.38
N PRO A 75 -9.09 -21.46 9.64
CA PRO A 75 -8.23 -22.62 9.49
C PRO A 75 -7.37 -22.43 8.22
N ASP A 76 -7.65 -23.19 7.16
CA ASP A 76 -6.94 -23.13 5.92
C ASP A 76 -7.81 -23.97 5.04
N LEU A 77 -8.40 -24.99 5.66
CA LEU A 77 -9.33 -25.83 4.95
C LEU A 77 -10.41 -24.84 4.55
N TYR A 78 -10.76 -23.97 5.49
CA TYR A 78 -11.77 -22.94 5.23
C TYR A 78 -11.31 -21.94 4.17
N LYS A 79 -10.09 -21.45 4.35
CA LYS A 79 -9.54 -20.47 3.42
C LYS A 79 -9.48 -21.08 2.02
N ASP A 80 -9.30 -22.40 1.97
CA ASP A 80 -9.24 -23.13 0.71
C ASP A 80 -10.54 -22.92 -0.05
N ILE A 81 -11.64 -23.22 0.65
CA ILE A 81 -12.99 -23.10 0.12
C ILE A 81 -13.28 -21.69 -0.36
N PHE A 82 -12.86 -20.70 0.40
CA PHE A 82 -13.08 -19.33 -0.01
C PHE A 82 -12.55 -19.15 -1.42
N GLN A 83 -11.75 -20.10 -1.89
CA GLN A 83 -11.17 -20.04 -3.21
C GLN A 83 -10.91 -21.47 -3.75
N GLY A 99 -17.23 -19.23 -3.54
CA GLY A 99 -16.02 -18.61 -4.04
C GLY A 99 -16.02 -17.12 -3.79
N ASN A 100 -16.61 -16.38 -4.72
CA ASN A 100 -16.66 -14.92 -4.60
C ASN A 100 -18.13 -14.49 -4.52
N LEU A 101 -19.02 -15.48 -4.65
CA LEU A 101 -20.46 -15.27 -4.62
C LEU A 101 -20.94 -14.71 -3.28
N ILE A 102 -20.02 -14.63 -2.32
CA ILE A 102 -20.35 -14.10 -0.98
C ILE A 102 -19.86 -12.66 -0.79
N GLY A 112 -24.29 -2.27 2.19
CA GLY A 112 -23.35 -2.29 1.08
C GLY A 112 -21.95 -2.76 1.47
N VAL A 113 -21.03 -2.71 0.52
CA VAL A 113 -19.65 -3.13 0.75
C VAL A 113 -19.22 -3.03 2.20
N PHE A 114 -19.08 -1.81 2.70
CA PHE A 114 -18.66 -1.56 4.09
C PHE A 114 -19.38 -2.47 5.06
N ASP A 115 -20.70 -2.58 4.90
CA ASP A 115 -21.50 -3.41 5.77
C ASP A 115 -21.02 -4.86 5.71
N ALA A 116 -21.15 -5.43 4.51
CA ALA A 116 -20.74 -6.80 4.28
C ALA A 116 -19.37 -7.04 4.88
N VAL A 117 -18.36 -6.51 4.23
CA VAL A 117 -17.00 -6.64 4.70
C VAL A 117 -16.94 -6.61 6.23
N GLN A 118 -17.37 -5.49 6.83
CA GLN A 118 -17.33 -5.35 8.28
C GLN A 118 -18.08 -6.49 8.94
N GLU A 119 -18.97 -7.10 8.18
CA GLU A 119 -19.75 -8.25 8.66
C GLU A 119 -18.84 -9.46 8.50
N LEU A 120 -18.38 -9.64 7.26
CA LEU A 120 -17.53 -10.74 6.87
C LEU A 120 -16.27 -10.84 7.69
N SER A 121 -15.52 -9.75 7.78
CA SER A 121 -14.28 -9.73 8.55
C SER A 121 -14.48 -10.43 9.85
N ASN A 122 -15.58 -10.10 10.52
CA ASN A 122 -15.89 -10.67 11.82
C ASN A 122 -16.45 -12.09 11.72
N GLN A 125 -13.16 -14.41 11.41
CA GLN A 125 -12.16 -14.30 12.48
C GLN A 125 -10.98 -13.44 12.02
N VAL A 126 -11.23 -12.16 11.84
CA VAL A 126 -10.19 -11.25 11.41
C VAL A 126 -9.81 -10.29 12.53
N ASP A 127 -8.81 -10.65 13.34
CA ASP A 127 -8.34 -9.75 14.40
C ASP A 127 -7.75 -8.59 13.58
N GLY A 128 -8.51 -7.51 13.50
CA GLY A 128 -8.04 -6.39 12.71
C GLY A 128 -9.20 -5.86 11.92
N HIS A 129 -9.00 -4.76 11.20
CA HIS A 129 -10.09 -4.15 10.45
C HIS A 129 -9.78 -3.94 8.99
N VAL A 130 -10.66 -4.37 8.11
CA VAL A 130 -10.48 -4.16 6.68
C VAL A 130 -11.58 -3.23 6.23
N TYR A 131 -11.30 -1.94 6.23
CA TYR A 131 -12.27 -0.95 5.79
C TYR A 131 -12.29 -0.80 4.26
N PRO A 132 -13.25 -0.05 3.76
CA PRO A 132 -13.42 0.24 2.34
C PRO A 132 -12.59 1.45 1.93
N ALA A 137 -19.80 3.77 -3.22
CA ALA A 137 -19.17 3.81 -4.55
C ALA A 137 -18.15 4.91 -4.60
N LEU A 138 -17.68 5.17 -5.81
CA LEU A 138 -16.66 6.18 -6.02
C LEU A 138 -16.19 5.88 -7.41
N THR A 139 -15.91 6.88 -8.22
CA THR A 139 -15.33 6.46 -9.45
C THR A 139 -14.29 7.43 -9.81
N LEU A 140 -13.27 6.78 -10.30
CA LEU A 140 -11.99 7.28 -10.71
C LEU A 140 -11.96 8.08 -11.98
N HIS A 141 -11.09 9.08 -11.99
CA HIS A 141 -10.91 9.91 -13.14
C HIS A 141 -9.43 9.83 -13.38
N GLY A 142 -8.99 10.46 -14.46
CA GLY A 142 -7.59 10.44 -14.77
C GLY A 142 -7.35 11.70 -15.56
N LYS A 143 -6.37 12.48 -15.14
CA LYS A 143 -6.07 13.69 -15.87
C LYS A 143 -4.70 13.51 -16.55
N PHE A 144 -4.75 12.93 -17.74
CA PHE A 144 -3.56 12.61 -18.55
C PHE A 144 -2.53 13.69 -18.94
N SER A 145 -1.47 13.25 -19.65
CA SER A 145 -0.37 14.09 -20.17
C SER A 145 -0.97 14.69 -21.43
N ASP A 146 -2.27 14.64 -21.27
CA ASP A 146 -3.32 15.18 -22.07
C ASP A 146 -4.42 14.53 -22.77
N GLY A 147 -5.51 15.14 -22.32
CA GLY A 147 -6.87 14.81 -22.58
C GLY A 147 -7.14 14.08 -21.28
N THR A 148 -8.35 14.21 -20.75
CA THR A 148 -8.71 13.46 -19.58
C THR A 148 -9.57 12.37 -20.24
N HIS A 160 -3.92 4.59 -22.25
CA HIS A 160 -3.03 4.42 -23.38
C HIS A 160 -1.89 5.44 -23.38
N LYS A 161 -2.06 6.49 -22.59
CA LYS A 161 -1.06 7.54 -22.49
C LYS A 161 -0.32 7.49 -21.15
N SER A 162 -0.24 8.63 -20.47
CA SER A 162 0.45 8.68 -19.20
C SER A 162 -0.34 9.40 -18.13
N LEU A 163 -1.06 8.65 -17.30
CA LEU A 163 -1.84 9.22 -16.21
C LEU A 163 -0.89 10.18 -15.47
N GLU A 164 -1.24 11.45 -15.44
CA GLU A 164 -0.40 12.43 -14.76
C GLU A 164 -1.03 12.96 -13.49
N ARG A 165 -2.12 12.32 -13.08
CA ARG A 165 -2.83 12.67 -11.88
C ARG A 165 -4.27 12.23 -11.99
N VAL A 166 -4.62 11.25 -11.18
CA VAL A 166 -5.99 10.77 -11.15
C VAL A 166 -6.60 11.23 -9.84
N TRP A 167 -7.92 11.23 -9.77
CA TRP A 167 -8.61 11.64 -8.55
C TRP A 167 -9.95 10.92 -8.54
N VAL A 168 -10.47 10.73 -7.33
CA VAL A 168 -11.72 10.04 -7.19
C VAL A 168 -12.78 11.02 -6.67
N THR A 169 -14.01 10.85 -7.16
CA THR A 169 -15.12 11.72 -6.77
C THR A 169 -16.38 10.86 -6.68
N PRO A 176 -15.46 13.21 -2.19
CA PRO A 176 -16.31 12.10 -1.73
C PRO A 176 -16.04 11.94 -0.27
N GLN A 177 -16.96 11.39 0.54
CA GLN A 177 -16.51 11.32 1.93
C GLN A 177 -16.00 10.06 2.54
N ALA A 178 -14.79 10.26 3.05
CA ALA A 178 -13.99 9.34 3.77
C ALA A 178 -14.83 8.94 4.99
N VAL A 179 -14.90 7.63 5.21
CA VAL A 179 -15.68 7.09 6.29
C VAL A 179 -15.02 7.31 7.65
N GLN A 180 -15.67 8.11 8.49
CA GLN A 180 -15.18 8.43 9.83
C GLN A 180 -14.27 7.37 10.48
N PRO A 181 -14.65 6.08 10.41
CA PRO A 181 -13.82 5.01 11.00
C PRO A 181 -12.35 4.93 10.51
N VAL A 182 -12.13 5.10 9.22
CA VAL A 182 -10.77 5.02 8.68
C VAL A 182 -9.87 6.09 9.29
N ILE A 183 -10.19 7.37 9.04
CA ILE A 183 -9.38 8.47 9.54
C ILE A 183 -9.02 8.32 11.01
N ASP A 184 -9.91 7.68 11.77
CA ASP A 184 -9.67 7.48 13.19
C ASP A 184 -8.50 6.55 13.35
N ALA A 185 -8.41 5.58 12.44
CA ALA A 185 -7.33 4.60 12.45
C ALA A 185 -6.02 5.29 12.05
N ILE A 186 -6.04 5.97 10.90
CA ILE A 186 -4.89 6.68 10.39
C ILE A 186 -4.29 7.53 11.49
N ALA A 188 -4.71 7.55 15.27
CA ALA A 188 -4.16 6.76 16.37
C ALA A 188 -3.04 5.82 15.92
N ALA A 189 -2.92 5.64 14.62
CA ALA A 189 -1.91 4.76 14.05
C ALA A 189 -0.46 5.21 14.30
N ASP A 190 0.45 4.24 14.35
CA ASP A 190 1.88 4.47 14.55
C ASP A 190 2.58 4.50 13.20
N GLN A 191 2.20 3.58 12.32
CA GLN A 191 2.82 3.48 11.00
C GLN A 191 1.78 3.33 9.90
N ILE A 192 1.81 4.21 8.91
CA ILE A 192 0.90 4.14 7.78
C ILE A 192 1.68 3.61 6.60
N VAL A 193 1.28 2.47 6.05
CA VAL A 193 1.97 1.87 4.91
C VAL A 193 1.12 2.09 3.67
N LEU A 194 1.78 2.31 2.55
CA LEU A 194 1.10 2.54 1.28
C LEU A 194 1.79 1.66 0.25
N GLY A 195 1.04 0.74 -0.35
CA GLY A 195 1.63 -0.16 -1.32
C GLY A 195 1.89 -1.53 -0.72
N PRO A 196 2.27 -2.54 -1.49
CA PRO A 196 2.43 -2.51 -2.94
C PRO A 196 1.18 -2.13 -3.70
N GLY A 197 1.29 -2.07 -5.02
CA GLY A 197 0.16 -1.73 -5.86
C GLY A 197 0.45 -0.55 -6.78
N SER A 198 -0.38 -0.37 -7.81
CA SER A 198 -0.18 0.73 -8.73
C SER A 198 -0.38 2.07 -8.06
N LEU A 199 0.36 3.08 -8.50
CA LEU A 199 0.25 4.42 -7.93
C LEU A 199 -1.11 5.07 -8.21
N PHE A 200 -1.48 5.12 -9.49
CA PHE A 200 -2.72 5.74 -9.89
C PHE A 200 -3.99 4.93 -9.69
N THR A 201 -3.89 3.61 -9.85
CA THR A 201 -5.06 2.73 -9.75
C THR A 201 -5.40 2.21 -8.36
N SER A 202 -4.37 1.91 -7.56
CA SER A 202 -4.56 1.37 -6.21
C SER A 202 -4.33 2.33 -5.04
N ILE A 203 -3.10 2.79 -4.88
CA ILE A 203 -2.73 3.70 -3.80
C ILE A 203 -3.43 5.08 -3.81
N LEU A 204 -3.38 5.78 -4.94
CA LEU A 204 -3.99 7.11 -5.04
C LEU A 204 -5.53 7.18 -4.85
N PRO A 205 -6.29 6.39 -5.62
CA PRO A 205 -7.75 6.42 -5.49
C PRO A 205 -8.25 6.34 -4.05
N ASN A 206 -7.36 6.01 -3.12
CA ASN A 206 -7.72 5.92 -1.70
C ASN A 206 -7.20 7.11 -0.95
N LEU A 207 -6.07 7.67 -1.40
CA LEU A 207 -5.48 8.85 -0.76
C LEU A 207 -6.12 10.11 -1.32
N THR A 208 -6.10 10.21 -2.65
CA THR A 208 -6.68 11.35 -3.35
C THR A 208 -7.93 11.93 -2.67
N ILE A 209 -8.72 11.07 -2.04
CA ILE A 209 -9.92 11.48 -1.35
C ILE A 209 -9.57 12.36 -0.15
N GLY A 210 -9.44 13.65 -0.43
CA GLY A 210 -9.10 14.67 0.55
C GLY A 210 -9.18 14.45 2.05
N ASN A 211 -10.26 13.85 2.53
CA ASN A 211 -10.43 13.63 3.96
C ASN A 211 -9.47 12.59 4.53
N ILE A 212 -9.14 11.60 3.72
CA ILE A 212 -8.26 10.55 4.16
C ILE A 212 -6.82 10.98 3.87
N GLY A 213 -6.68 11.87 2.88
CA GLY A 213 -5.37 12.38 2.50
C GLY A 213 -4.78 13.38 3.50
N ARG A 214 -5.63 13.93 4.36
CA ARG A 214 -5.18 14.89 5.35
C ARG A 214 -4.80 14.16 6.60
N ALA A 215 -5.30 12.95 6.75
CA ALA A 215 -5.00 12.14 7.91
C ALA A 215 -3.55 11.62 7.79
N VAL A 216 -3.19 11.20 6.57
CA VAL A 216 -1.85 10.71 6.28
C VAL A 216 -0.86 11.83 6.62
N CYS A 217 -1.28 13.08 6.39
CA CYS A 217 -0.45 14.27 6.61
C CYS A 217 -0.52 15.02 7.95
N GLU A 218 -1.48 14.70 8.81
CA GLU A 218 -1.56 15.38 10.12
C GLU A 218 -1.15 14.36 11.18
N SER A 219 -0.95 13.13 10.70
CA SER A 219 -0.63 12.03 11.56
C SER A 219 0.71 12.01 12.23
N ASP A 220 0.69 11.50 13.46
CA ASP A 220 1.90 11.31 14.23
C ASP A 220 2.50 9.96 13.86
N ALA A 221 1.87 9.31 12.89
CA ALA A 221 2.34 8.04 12.41
C ALA A 221 3.31 8.38 11.31
N GLU A 222 4.33 7.54 11.17
CA GLU A 222 5.37 7.68 10.17
C GLU A 222 4.84 7.05 8.85
N VAL A 223 4.94 7.74 7.72
CA VAL A 223 4.45 7.17 6.47
C VAL A 223 5.63 6.44 5.82
N VAL A 224 5.39 5.22 5.35
CA VAL A 224 6.40 4.36 4.72
C VAL A 224 5.86 3.82 3.42
N TYR A 225 6.66 3.88 2.38
CA TYR A 225 6.24 3.45 1.05
C TYR A 225 7.12 2.35 0.51
N ILE A 226 6.50 1.23 0.17
CA ILE A 226 7.21 0.08 -0.40
C ILE A 226 7.17 0.26 -1.92
N CYS A 227 8.25 0.77 -2.50
CA CYS A 227 8.26 1.02 -3.92
C CYS A 227 8.09 -0.24 -4.72
N ASN A 228 7.36 -0.13 -5.82
CA ASN A 228 7.11 -1.26 -6.71
C ASN A 228 8.42 -1.79 -7.28
N ILE A 229 8.40 -3.08 -7.64
CA ILE A 229 9.57 -3.76 -8.21
C ILE A 229 9.67 -3.42 -9.68
N THR A 231 7.68 -1.27 -13.38
CA THR A 231 7.02 -0.06 -13.88
C THR A 231 5.78 -0.38 -14.68
N GLY A 234 1.80 2.37 -19.02
CA GLY A 234 1.67 3.75 -19.47
C GLY A 234 1.81 4.77 -18.35
N GLU A 235 1.24 4.42 -17.18
CA GLU A 235 1.26 5.26 -15.98
C GLU A 235 2.65 5.67 -15.44
N THR A 236 3.47 4.68 -15.17
CA THR A 236 4.79 4.82 -14.57
C THR A 236 6.06 4.51 -15.42
N ASP A 237 5.95 4.45 -16.74
CA ASP A 237 7.10 4.10 -17.57
C ASP A 237 8.36 4.91 -17.44
N ASN A 238 9.44 4.22 -17.09
CA ASN A 238 10.78 4.78 -16.92
C ASN A 238 11.01 5.49 -15.60
N PHE A 239 10.08 5.30 -14.68
CA PHE A 239 10.18 5.91 -13.35
C PHE A 239 11.33 5.33 -12.53
N SER A 240 11.43 5.84 -11.30
CA SER A 240 12.44 5.43 -10.35
C SER A 240 11.80 5.55 -8.99
N ASP A 241 12.45 5.01 -7.96
CA ASP A 241 11.90 5.12 -6.63
C ASP A 241 11.50 6.57 -6.43
N ALA A 242 12.44 7.47 -6.74
CA ALA A 242 12.21 8.91 -6.60
C ALA A 242 10.92 9.34 -7.29
N ASP A 243 10.86 9.13 -8.60
CA ASP A 243 9.68 9.51 -9.36
C ASP A 243 8.39 9.07 -8.69
N HIS A 244 8.35 7.83 -8.20
CA HIS A 244 7.16 7.30 -7.57
C HIS A 244 6.78 8.18 -6.39
N VAL A 245 7.69 8.30 -5.44
CA VAL A 245 7.44 9.12 -4.27
C VAL A 245 6.96 10.49 -4.73
N ARG A 246 7.73 11.08 -5.64
CA ARG A 246 7.41 12.39 -6.22
C ARG A 246 5.97 12.46 -6.73
N VAL A 247 5.56 11.47 -7.52
CA VAL A 247 4.20 11.38 -8.04
C VAL A 247 3.19 11.36 -6.90
N LEU A 248 3.51 10.64 -5.83
CA LEU A 248 2.62 10.58 -4.70
C LEU A 248 2.52 11.97 -4.08
N ASN A 249 3.60 12.43 -3.44
CA ASN A 249 3.60 13.72 -2.79
C ASN A 249 2.86 14.75 -3.63
N ARG A 250 3.24 14.90 -4.90
CA ARG A 250 2.59 15.86 -5.79
C ARG A 250 1.08 15.77 -5.66
N HIS A 251 0.57 14.56 -5.44
CA HIS A 251 -0.88 14.37 -5.29
C HIS A 251 -1.43 14.95 -3.98
N LEU A 252 -0.56 15.34 -3.07
CA LEU A 252 -0.98 15.91 -1.80
C LEU A 252 -0.26 17.23 -1.54
N ILE A 257 5.59 11.62 2.67
CA ILE A 257 6.14 10.27 2.78
C ILE A 257 7.47 10.33 3.50
N ASN A 258 7.61 9.50 4.52
CA ASN A 258 8.81 9.49 5.35
C ASN A 258 9.98 8.57 4.99
N THR A 259 9.67 7.32 4.71
CA THR A 259 10.67 6.31 4.40
C THR A 259 10.25 5.50 3.14
N VAL A 260 11.23 4.99 2.40
CA VAL A 260 10.91 4.16 1.24
C VAL A 260 11.65 2.81 1.27
N LEU A 261 10.94 1.76 0.90
CA LEU A 261 11.55 0.45 0.88
C LEU A 261 11.88 0.14 -0.56
N VAL A 262 13.14 0.37 -0.93
CA VAL A 262 13.62 0.12 -2.29
C VAL A 262 14.28 -1.23 -2.48
N ASN A 263 13.78 -1.96 -3.48
CA ASN A 263 14.28 -3.28 -3.83
C ASN A 263 15.50 -3.14 -4.74
N THR A 264 16.66 -3.51 -4.23
CA THR A 264 17.88 -3.42 -4.99
C THR A 264 18.15 -4.68 -5.82
N GLU A 265 17.41 -5.75 -5.52
CA GLU A 265 17.61 -7.03 -6.23
C GLU A 265 17.20 -6.92 -7.68
N LYS A 266 18.06 -7.43 -8.57
CA LYS A 266 17.85 -7.33 -10.00
C LYS A 266 16.94 -8.38 -10.61
N VAL A 267 15.83 -7.97 -11.21
CA VAL A 267 14.96 -8.96 -11.83
C VAL A 267 15.68 -9.15 -13.17
N PRO A 268 15.99 -10.42 -13.54
CA PRO A 268 16.68 -10.88 -14.74
C PRO A 268 16.02 -10.92 -16.11
N GLU A 269 16.76 -10.46 -17.12
CA GLU A 269 16.30 -10.45 -18.51
C GLU A 269 15.53 -11.74 -18.89
N ASP A 270 16.28 -12.78 -19.24
CA ASP A 270 15.70 -14.05 -19.63
C ASP A 270 14.51 -14.52 -18.79
N TYR A 271 14.37 -13.97 -17.60
CA TYR A 271 13.27 -14.34 -16.72
C TYR A 271 12.07 -13.61 -17.25
N ASP A 273 11.89 -12.23 -19.92
CA ASP A 273 11.72 -12.76 -21.27
C ASP A 273 10.83 -13.98 -21.06
N PHE A 274 11.35 -15.01 -20.40
CA PHE A 274 10.56 -16.22 -20.20
C PHE A 274 9.10 -16.01 -19.85
N HIS A 275 8.81 -15.18 -18.85
CA HIS A 275 7.40 -15.02 -18.49
C HIS A 275 6.68 -13.84 -19.09
N SER A 281 7.32 -2.76 -20.32
CA SER A 281 7.62 -3.14 -18.94
C SER A 281 9.10 -3.05 -18.62
N LYS A 282 9.42 -2.73 -17.37
CA LYS A 282 10.80 -2.60 -16.94
C LYS A 282 10.87 -2.67 -15.41
N GLN A 283 12.03 -2.36 -14.86
CA GLN A 283 12.18 -2.37 -13.41
C GLN A 283 12.43 -0.96 -12.87
N VAL A 284 11.74 -0.60 -11.79
CA VAL A 284 11.89 0.71 -11.18
C VAL A 284 13.38 0.99 -10.98
N SER A 285 13.82 2.15 -11.43
CA SER A 285 15.22 2.52 -11.29
C SER A 285 15.50 3.00 -9.86
N HIS A 286 16.77 3.24 -9.54
CA HIS A 286 17.13 3.70 -8.21
C HIS A 286 17.93 4.99 -8.20
N ASP A 287 17.30 6.05 -7.72
CA ASP A 287 17.94 7.35 -7.64
C ASP A 287 17.90 7.78 -6.19
N PHE A 288 19.04 7.72 -5.53
CA PHE A 288 19.15 8.06 -4.13
C PHE A 288 18.80 9.53 -3.83
N ARG A 289 19.55 10.44 -4.43
CA ARG A 289 19.35 11.86 -4.22
C ARG A 289 17.90 12.35 -4.36
N GLY A 290 17.31 12.17 -5.54
CA GLY A 290 15.94 12.63 -5.73
C GLY A 290 15.04 12.16 -4.64
N LEU A 291 15.32 10.98 -4.10
CA LEU A 291 14.52 10.40 -3.04
C LEU A 291 14.84 11.13 -1.76
N ARG A 292 16.11 11.40 -1.53
CA ARG A 292 16.53 12.14 -0.33
C ARG A 292 16.04 13.56 -0.42
N GLU A 293 16.47 14.26 -1.47
CA GLU A 293 16.05 15.64 -1.71
C GLU A 293 14.53 15.84 -1.53
N GLN A 294 13.83 14.79 -1.11
CA GLN A 294 12.39 14.84 -0.91
C GLN A 294 12.04 14.58 0.55
N ASN A 295 13.00 14.81 1.44
CA ASN A 295 12.79 14.62 2.88
C ASN A 295 12.35 13.20 3.13
N CYS A 296 12.91 12.28 2.36
CA CYS A 296 12.57 10.89 2.49
C CYS A 296 13.81 10.08 2.86
N ARG A 297 13.62 9.06 3.70
CA ARG A 297 14.70 8.17 4.11
C ARG A 297 14.78 7.01 3.13
N VAL A 298 15.94 6.39 3.01
CA VAL A 298 16.08 5.31 2.07
C VAL A 298 16.49 3.96 2.67
N ILE A 299 15.57 3.01 2.63
CA ILE A 299 15.83 1.67 3.12
C ILE A 299 15.96 0.76 1.89
N SER A 300 17.19 0.44 1.55
CA SER A 300 17.52 -0.40 0.40
C SER A 300 17.98 -1.79 0.82
N SER A 301 17.35 -2.81 0.26
CA SER A 301 17.71 -4.20 0.57
C SER A 301 17.26 -5.17 -0.52
N ASN A 302 17.07 -6.43 -0.14
CA ASN A 302 16.61 -7.44 -1.08
C ASN A 302 15.15 -7.77 -0.75
N PHE A 303 14.23 -7.16 -1.50
CA PHE A 303 12.80 -7.38 -1.29
C PHE A 303 12.24 -8.23 -2.40
N LEU A 304 13.12 -8.69 -3.30
CA LEU A 304 12.69 -9.50 -4.44
C LEU A 304 12.61 -11.00 -4.21
N LYS A 305 11.48 -11.59 -4.61
CA LYS A 305 11.24 -13.02 -4.50
C LYS A 305 10.70 -13.42 -5.84
N LEU A 306 10.94 -14.65 -6.28
CA LEU A 306 10.46 -15.09 -7.59
C LEU A 306 9.74 -16.44 -7.59
N HIS A 313 7.39 -8.33 -4.04
CA HIS A 313 8.34 -8.28 -2.92
C HIS A 313 8.24 -9.57 -2.12
N ASP A 314 9.18 -9.77 -1.21
CA ASP A 314 9.19 -10.98 -0.40
C ASP A 314 7.95 -10.98 0.47
N GLY A 315 7.87 -10.05 1.41
CA GLY A 315 6.73 -10.00 2.29
C GLY A 315 7.18 -10.16 3.72
N ASP A 316 7.87 -11.26 4.00
CA ASP A 316 8.39 -11.50 5.34
C ASP A 316 9.65 -10.66 5.51
N GLN A 317 10.42 -10.55 4.44
CA GLN A 317 11.63 -9.74 4.44
C GLN A 317 11.17 -8.32 4.58
N VAL A 318 10.10 -7.99 3.85
CA VAL A 318 9.49 -6.67 3.87
C VAL A 318 8.87 -6.36 5.23
N VAL A 319 8.03 -7.25 5.74
CA VAL A 319 7.41 -7.06 7.05
C VAL A 319 8.49 -6.90 8.11
N ALA A 320 9.72 -7.28 7.76
CA ALA A 320 10.83 -7.16 8.69
C ALA A 320 11.24 -5.72 8.94
N GLU A 321 11.46 -4.97 7.86
CA GLU A 321 11.84 -3.57 7.95
C GLU A 321 10.61 -2.84 8.45
N LEU A 322 9.44 -3.31 8.04
CA LEU A 322 8.20 -2.69 8.49
C LEU A 322 8.13 -2.84 10.00
N ASN A 324 10.86 -3.45 12.06
CA ASN A 324 11.98 -2.80 12.71
C ASN A 324 11.74 -1.30 12.74
N LEU A 325 11.05 -0.80 11.71
CA LEU A 325 10.73 0.62 11.59
C LEU A 325 9.82 1.11 12.74
N VAL A 326 8.63 0.52 12.86
CA VAL A 326 7.69 0.91 13.91
C VAL A 326 8.18 0.49 15.30
N GLY A 327 9.33 -0.14 15.35
CA GLY A 327 9.85 -0.61 16.62
C GLY A 327 10.76 0.39 17.28
N HIS A 328 11.54 1.11 16.49
CA HIS A 328 12.47 2.09 17.03
C HIS A 328 11.97 3.52 16.91
N SER A 329 10.90 3.71 16.15
CA SER A 329 10.34 5.05 15.95
C SER A 329 9.86 5.73 17.21
N ASP A 330 10.15 7.02 17.36
CA ASP A 330 9.70 7.76 18.55
C ASP A 330 8.19 7.70 18.69
N VAL A 331 7.50 7.72 17.56
CA VAL A 331 6.04 7.67 17.54
C VAL A 331 5.52 6.51 18.35
N PHE A 332 6.21 5.37 18.25
CA PHE A 332 5.78 4.18 18.98
C PHE A 332 6.26 4.14 20.41
N ARG A 333 7.48 4.60 20.64
CA ARG A 333 8.05 4.61 21.99
C ARG A 333 7.85 5.95 22.70
#